data_6AI4
#
_entry.id   6AI4
#
_cell.length_a   67.820
_cell.length_b   95.520
_cell.length_c   120.080
_cell.angle_alpha   90.00
_cell.angle_beta   90.00
_cell.angle_gamma   90.00
#
_symmetry.space_group_name_H-M   'P 21 2 21'
#
loop_
_entity.id
_entity.type
_entity.pdbx_description
1 polymer 'Non-LEE encoded effector protein NleB'
2 water water
#
_entity_poly.entity_id   1
_entity_poly.type   'polypeptide(L)'
_entity_poly.pdbx_seq_one_letter_code
;MLSPIRTTFHNSVNIVQSSPSQTVSFAGKEYELKVIDEKTPILFQWFEPNPERYKKDEVPIVNTKQHPYLDNVTNAARIE
SDRMIGIFVDGDFSVNQKTAFSKLERDFENVMIIYREDVDFSMYDRKLSDIYHDIICEQRLRTEDKRDEYLLNLLEKELR
EISKAQDSLISMYAKKRNHAWFDFFRNLALLKAGEIFRSTYNTKNHGISFGEGCIYLDMDMILTGKLGTIYAPDGISMHV
DRRNDSVNIENSAIIVNRSNHPALLEGLSFMHSKVDAHPYYDGLGKGVKKYFNFTPLHNYNHFCDFIEFNHPNIIMNTSQ
YTCSSW
;
_entity_poly.pdbx_strand_id   A,B
#
# COMPACT_ATOMS: atom_id res chain seq x y z
N SER A 21 -4.92 33.71 -12.71
CA SER A 21 -3.65 34.34 -12.23
C SER A 21 -2.48 33.36 -12.39
N GLN A 22 -2.67 32.12 -11.93
CA GLN A 22 -1.57 31.20 -11.64
C GLN A 22 -1.15 30.49 -12.94
N THR A 23 0.02 30.88 -13.45
CA THR A 23 0.57 30.34 -14.68
C THR A 23 1.93 29.70 -14.36
N VAL A 24 2.26 28.68 -15.15
CA VAL A 24 3.55 28.02 -15.08
C VAL A 24 4.13 28.06 -16.49
N SER A 25 5.41 27.73 -16.63
CA SER A 25 5.96 27.72 -17.95
C SER A 25 6.88 26.52 -18.17
N PHE A 26 6.89 26.05 -19.43
CA PHE A 26 7.83 25.05 -19.88
C PHE A 26 8.26 25.36 -21.31
N ALA A 27 9.56 25.16 -21.57
CA ALA A 27 10.16 25.27 -22.91
C ALA A 27 9.89 26.67 -23.47
N GLY A 28 9.94 27.69 -22.59
CA GLY A 28 9.75 29.09 -22.98
C GLY A 28 8.31 29.47 -23.30
N LYS A 29 7.32 28.68 -22.88
CA LYS A 29 5.93 29.04 -23.12
C LYS A 29 5.12 28.97 -21.82
N GLU A 30 4.20 29.92 -21.65
CA GLU A 30 3.42 30.06 -20.44
C GLU A 30 2.10 29.30 -20.58
N TYR A 31 1.68 28.64 -19.48
CA TYR A 31 0.44 27.91 -19.46
C TYR A 31 -0.33 28.24 -18.18
N GLU A 32 -1.65 28.39 -18.33
CA GLU A 32 -2.55 28.55 -17.22
C GLU A 32 -2.62 27.25 -16.43
N LEU A 33 -2.53 27.32 -15.11
CA LEU A 33 -2.97 26.22 -14.27
C LEU A 33 -4.49 26.21 -14.28
N LYS A 34 -5.09 25.11 -14.72
CA LYS A 34 -6.53 25.03 -14.80
C LYS A 34 -7.02 24.11 -13.69
N VAL A 35 -8.25 24.37 -13.24
CA VAL A 35 -8.72 23.70 -12.04
C VAL A 35 -9.35 22.36 -12.42
N ILE A 36 -9.03 21.34 -11.65
CA ILE A 36 -9.68 20.05 -11.69
C ILE A 36 -10.51 19.97 -10.42
N ASP A 37 -11.80 20.28 -10.53
CA ASP A 37 -12.58 20.67 -9.33
C ASP A 37 -13.04 19.42 -8.56
N GLU A 38 -13.64 19.66 -7.40
CA GLU A 38 -13.95 18.61 -6.43
C GLU A 38 -15.12 17.71 -6.86
N LYS A 39 -15.79 17.96 -7.98
CA LYS A 39 -16.77 16.95 -8.47
C LYS A 39 -16.23 16.17 -9.68
N THR A 40 -14.94 16.32 -9.99
CA THR A 40 -14.34 15.50 -11.00
C THR A 40 -14.36 14.05 -10.53
N PRO A 41 -14.89 13.12 -11.35
CA PRO A 41 -14.93 11.72 -10.95
C PRO A 41 -13.58 11.03 -11.10
N ILE A 42 -13.47 9.88 -10.44
CA ILE A 42 -12.30 9.05 -10.50
C ILE A 42 -12.63 7.82 -11.36
N LEU A 43 -11.74 7.48 -12.27
CA LEU A 43 -11.87 6.29 -13.10
C LEU A 43 -10.71 5.34 -12.83
N PHE A 44 -11.03 4.08 -12.56
CA PHE A 44 -10.07 3.01 -12.58
C PHE A 44 -10.41 2.08 -13.75
N GLN A 45 -9.44 1.28 -14.20
CA GLN A 45 -9.68 0.43 -15.33
C GLN A 45 -9.17 -0.99 -15.01
N TRP A 46 -9.97 -2.02 -15.36
CA TRP A 46 -9.54 -3.36 -15.24
C TRP A 46 -9.99 -4.13 -16.47
N PHE A 47 -9.06 -4.61 -17.30
CA PHE A 47 -9.40 -5.42 -18.44
C PHE A 47 -8.94 -6.86 -18.18
N GLU A 48 -9.89 -7.80 -18.29
CA GLU A 48 -9.68 -9.11 -17.74
C GLU A 48 -9.57 -10.15 -18.84
N PRO A 49 -8.35 -10.65 -19.15
CA PRO A 49 -8.23 -11.64 -20.22
C PRO A 49 -8.79 -13.03 -19.85
N ASN A 50 -8.84 -13.35 -18.56
CA ASN A 50 -9.21 -14.67 -18.12
C ASN A 50 -10.22 -14.60 -16.99
N PRO A 51 -11.51 -14.33 -17.30
CA PRO A 51 -12.52 -14.27 -16.26
C PRO A 51 -12.76 -15.62 -15.56
N GLU A 52 -12.16 -16.70 -16.05
CA GLU A 52 -12.38 -18.01 -15.44
C GLU A 52 -11.49 -18.22 -14.21
N ARG A 53 -10.54 -17.29 -13.95
CA ARG A 53 -9.64 -17.31 -12.78
C ARG A 53 -10.34 -16.87 -11.48
N TYR A 54 -11.66 -16.79 -11.43
CA TYR A 54 -12.35 -16.25 -10.26
C TYR A 54 -13.42 -17.23 -9.78
N LYS A 55 -13.60 -17.31 -8.46
CA LYS A 55 -14.60 -18.17 -7.87
C LYS A 55 -16.00 -17.71 -8.28
N LYS A 56 -16.98 -18.57 -8.02
CA LYS A 56 -18.38 -18.22 -8.21
C LYS A 56 -18.74 -16.99 -7.37
N ASP A 57 -19.44 -16.05 -8.01
CA ASP A 57 -20.03 -14.87 -7.36
C ASP A 57 -18.99 -13.81 -6.97
N GLU A 58 -17.71 -13.96 -7.33
CA GLU A 58 -16.77 -12.91 -7.01
C GLU A 58 -16.57 -11.99 -8.21
N VAL A 59 -16.34 -10.72 -7.89
CA VAL A 59 -16.04 -9.67 -8.83
C VAL A 59 -14.76 -10.01 -9.57
N PRO A 60 -14.80 -10.12 -10.91
CA PRO A 60 -13.63 -10.60 -11.65
C PRO A 60 -12.52 -9.53 -11.76
N ILE A 61 -12.16 -8.96 -10.62
CA ILE A 61 -11.02 -8.08 -10.46
C ILE A 61 -10.09 -8.69 -9.41
N VAL A 62 -8.78 -8.58 -9.62
CA VAL A 62 -7.81 -9.10 -8.65
C VAL A 62 -7.98 -8.41 -7.29
N ASN A 63 -7.81 -9.17 -6.22
CA ASN A 63 -7.97 -8.59 -4.87
C ASN A 63 -7.17 -9.37 -3.80
N THR A 64 -5.94 -9.75 -4.14
CA THR A 64 -5.05 -10.45 -3.22
C THR A 64 -4.40 -9.45 -2.26
N LYS A 65 -3.57 -9.97 -1.33
CA LYS A 65 -2.82 -9.12 -0.42
C LYS A 65 -1.76 -8.32 -1.19
N GLN A 66 -1.07 -8.98 -2.11
CA GLN A 66 -0.10 -8.30 -2.96
C GLN A 66 -0.81 -7.24 -3.82
N HIS A 67 -1.87 -7.63 -4.54
CA HIS A 67 -2.63 -6.72 -5.43
C HIS A 67 -4.07 -6.57 -4.95
N PRO A 68 -4.33 -5.77 -3.90
CA PRO A 68 -5.68 -5.59 -3.37
C PRO A 68 -6.49 -4.56 -4.17
N TYR A 69 -6.56 -4.78 -5.49
CA TYR A 69 -7.01 -3.74 -6.38
C TYR A 69 -8.48 -3.38 -6.10
N LEU A 70 -9.30 -4.38 -5.76
CA LEU A 70 -10.72 -4.10 -5.61
C LEU A 70 -10.96 -3.31 -4.32
N ASP A 71 -10.24 -3.69 -3.27
CA ASP A 71 -10.34 -2.97 -1.99
C ASP A 71 -9.85 -1.54 -2.17
N ASN A 72 -8.76 -1.36 -2.93
CA ASN A 72 -8.26 0.01 -3.23
C ASN A 72 -9.36 0.83 -3.90
N VAL A 73 -10.05 0.22 -4.85
CA VAL A 73 -11.11 0.93 -5.54
C VAL A 73 -12.26 1.20 -4.57
N THR A 74 -12.59 0.25 -3.72
CA THR A 74 -13.73 0.53 -2.82
C THR A 74 -13.32 1.49 -1.72
N ASN A 75 -12.05 1.41 -1.30
CA ASN A 75 -11.44 2.36 -0.37
C ASN A 75 -11.61 3.79 -0.90
N ALA A 76 -11.29 4.01 -2.19
CA ALA A 76 -11.35 5.33 -2.78
C ALA A 76 -12.80 5.86 -2.78
N ALA A 77 -13.76 5.00 -3.14
CA ALA A 77 -15.18 5.38 -3.18
C ALA A 77 -15.71 5.71 -1.79
N ARG A 78 -15.29 4.94 -0.79
CA ARG A 78 -15.58 5.24 0.62
C ARG A 78 -15.08 6.65 0.95
N ILE A 79 -13.79 6.91 0.71
CA ILE A 79 -13.19 8.20 1.05
C ILE A 79 -13.85 9.34 0.24
N GLU A 80 -13.98 9.16 -1.07
CA GLU A 80 -14.51 10.26 -1.92
C GLU A 80 -16.03 10.12 -2.10
N SER A 81 -16.74 10.20 -0.97
CA SER A 81 -18.18 9.92 -0.89
C SER A 81 -19.02 10.83 -1.81
N ASP A 82 -18.55 12.03 -2.14
CA ASP A 82 -19.29 12.96 -2.99
C ASP A 82 -18.78 13.01 -4.43
N ARG A 83 -17.90 12.09 -4.85
CA ARG A 83 -17.56 12.03 -6.24
C ARG A 83 -18.03 10.68 -6.81
N MET A 84 -18.23 10.66 -8.11
CA MET A 84 -18.52 9.38 -8.79
C MET A 84 -17.20 8.60 -9.02
N ILE A 85 -17.12 7.38 -8.52
CA ILE A 85 -15.98 6.48 -8.78
C ILE A 85 -16.40 5.49 -9.88
N GLY A 86 -15.59 5.41 -10.93
CA GLY A 86 -15.87 4.58 -12.06
C GLY A 86 -14.90 3.42 -12.18
N ILE A 87 -15.40 2.30 -12.67
CA ILE A 87 -14.55 1.15 -12.95
C ILE A 87 -14.82 0.75 -14.38
N PHE A 88 -13.83 0.98 -15.24
CA PHE A 88 -13.94 0.76 -16.64
C PHE A 88 -13.39 -0.63 -16.94
N VAL A 89 -14.26 -1.55 -17.39
CA VAL A 89 -13.94 -2.97 -17.45
C VAL A 89 -14.19 -3.54 -18.87
N ASP A 90 -13.56 -4.67 -19.15
CA ASP A 90 -13.77 -5.37 -20.38
C ASP A 90 -13.28 -6.81 -20.21
N GLY A 91 -13.80 -7.69 -21.05
CA GLY A 91 -13.55 -9.11 -20.94
C GLY A 91 -14.85 -9.86 -21.14
N ASP A 92 -14.75 -11.17 -21.33
CA ASP A 92 -15.92 -12.00 -21.64
C ASP A 92 -16.52 -12.52 -20.34
N PHE A 93 -17.04 -11.60 -19.53
CA PHE A 93 -17.60 -11.89 -18.24
C PHE A 93 -18.86 -12.75 -18.40
N SER A 94 -19.03 -13.68 -17.47
CA SER A 94 -20.24 -14.50 -17.41
C SER A 94 -21.42 -13.68 -16.88
N VAL A 95 -22.63 -14.25 -16.95
CA VAL A 95 -23.78 -13.62 -16.31
C VAL A 95 -23.53 -13.51 -14.79
N ASN A 96 -22.85 -14.50 -14.23
CA ASN A 96 -22.60 -14.50 -12.79
C ASN A 96 -21.68 -13.34 -12.36
N GLN A 97 -20.65 -13.05 -13.15
CA GLN A 97 -19.78 -11.88 -12.89
C GLN A 97 -20.54 -10.57 -13.10
N LYS A 98 -21.35 -10.53 -14.16
CA LYS A 98 -22.23 -9.39 -14.39
C LYS A 98 -23.07 -9.11 -13.15
N THR A 99 -23.59 -10.19 -12.55
CA THR A 99 -24.38 -10.09 -11.31
C THR A 99 -23.51 -9.52 -10.17
N ALA A 100 -22.34 -10.08 -9.97
CA ALA A 100 -21.43 -9.62 -8.88
C ALA A 100 -20.98 -8.17 -9.11
N PHE A 101 -20.77 -7.79 -10.37
CA PHE A 101 -20.57 -6.38 -10.72
C PHE A 101 -21.77 -5.51 -10.33
N SER A 102 -22.98 -6.02 -10.58
CA SER A 102 -24.17 -5.24 -10.25
C SER A 102 -24.36 -5.12 -8.73
N LYS A 103 -24.03 -6.17 -7.98
CA LYS A 103 -24.07 -6.10 -6.54
C LYS A 103 -23.09 -5.04 -6.02
N LEU A 104 -21.88 -5.03 -6.59
CA LEU A 104 -20.90 -4.00 -6.24
C LEU A 104 -21.48 -2.60 -6.48
N GLU A 105 -22.11 -2.37 -7.63
CA GLU A 105 -22.73 -1.07 -7.88
C GLU A 105 -23.70 -0.71 -6.75
N ARG A 106 -24.48 -1.70 -6.28
CA ARG A 106 -25.54 -1.43 -5.31
C ARG A 106 -25.03 -1.32 -3.88
N ASP A 107 -23.86 -1.87 -3.58
CA ASP A 107 -23.32 -1.75 -2.20
C ASP A 107 -22.68 -0.37 -1.99
N PHE A 108 -22.47 0.40 -3.06
CA PHE A 108 -21.76 1.67 -2.99
C PHE A 108 -22.53 2.70 -3.81
N GLU A 109 -23.14 3.65 -3.12
CA GLU A 109 -23.84 4.76 -3.70
C GLU A 109 -23.10 5.32 -4.93
N ASN A 110 -21.76 5.41 -4.87
CA ASN A 110 -21.04 6.26 -5.82
C ASN A 110 -20.09 5.46 -6.73
N VAL A 111 -20.31 4.16 -6.92
CA VAL A 111 -19.54 3.31 -7.83
C VAL A 111 -20.44 2.93 -9.02
N MET A 112 -19.93 3.13 -10.24
CA MET A 112 -20.59 2.54 -11.38
C MET A 112 -19.59 1.72 -12.20
N ILE A 113 -20.10 0.61 -12.76
CA ILE A 113 -19.36 -0.25 -13.66
C ILE A 113 -19.63 0.22 -15.08
N ILE A 114 -18.57 0.40 -15.86
CA ILE A 114 -18.65 0.89 -17.21
C ILE A 114 -18.05 -0.21 -18.09
N TYR A 115 -18.93 -0.95 -18.79
CA TYR A 115 -18.48 -2.01 -19.70
C TYR A 115 -18.07 -1.41 -21.03
N ARG A 116 -16.88 -1.79 -21.49
CA ARG A 116 -16.35 -1.24 -22.74
C ARG A 116 -17.38 -1.37 -23.88
N GLU A 117 -17.93 -2.56 -24.07
CA GLU A 117 -18.88 -2.77 -25.18
C GLU A 117 -20.09 -1.79 -25.12
N ASP A 118 -20.41 -1.24 -23.96
CA ASP A 118 -21.56 -0.32 -23.82
C ASP A 118 -21.20 1.14 -24.12
N VAL A 119 -19.91 1.49 -24.25
CA VAL A 119 -19.53 2.87 -24.51
C VAL A 119 -19.43 3.10 -26.01
N ASP A 120 -20.04 4.18 -26.51
CA ASP A 120 -19.84 4.62 -27.88
C ASP A 120 -18.50 5.34 -27.94
N PHE A 121 -17.50 4.65 -28.50
CA PHE A 121 -16.22 5.29 -28.81
C PHE A 121 -16.12 5.66 -30.29
N SER A 122 -17.21 5.55 -31.06
CA SER A 122 -17.13 5.60 -32.55
C SER A 122 -16.55 6.92 -33.02
N MET A 123 -16.66 7.97 -32.20
CA MET A 123 -16.16 9.27 -32.60
C MET A 123 -14.63 9.26 -32.74
N TYR A 124 -13.96 8.24 -32.23
CA TYR A 124 -12.49 8.22 -32.24
C TYR A 124 -11.94 7.15 -33.19
N ASP A 125 -12.83 6.46 -33.91
CA ASP A 125 -12.41 5.37 -34.75
C ASP A 125 -11.78 5.88 -36.04
N ARG A 126 -11.07 4.98 -36.73
CA ARG A 126 -10.57 5.20 -38.07
C ARG A 126 -10.62 3.85 -38.79
N LYS A 127 -10.83 3.88 -40.09
CA LYS A 127 -10.86 2.64 -40.85
C LYS A 127 -9.43 2.13 -40.99
N LEU A 128 -9.27 0.81 -40.89
CA LEU A 128 -7.98 0.21 -41.16
C LEU A 128 -7.50 0.52 -42.58
N SER A 129 -8.40 0.55 -43.56
CA SER A 129 -7.99 0.82 -44.96
C SER A 129 -7.38 2.21 -45.06
N ASP A 130 -8.04 3.19 -44.46
CA ASP A 130 -7.48 4.55 -44.43
C ASP A 130 -6.04 4.53 -43.89
N ILE A 131 -5.78 3.74 -42.84
CA ILE A 131 -4.45 3.73 -42.19
C ILE A 131 -3.44 3.07 -43.14
N TYR A 132 -3.78 1.89 -43.66
CA TYR A 132 -2.93 1.23 -44.66
C TYR A 132 -2.64 2.17 -45.83
N HIS A 133 -3.67 2.84 -46.35
CA HIS A 133 -3.47 3.79 -47.47
C HIS A 133 -2.36 4.79 -47.13
N ASP A 134 -2.40 5.35 -45.92
CA ASP A 134 -1.38 6.32 -45.52
C ASP A 134 -0.01 5.64 -45.51
N ILE A 135 0.12 4.58 -44.71
CA ILE A 135 1.41 3.90 -44.58
C ILE A 135 1.95 3.54 -45.96
N ILE A 136 1.10 2.94 -46.81
CA ILE A 136 1.55 2.48 -48.11
C ILE A 136 2.04 3.67 -48.95
N CYS A 137 1.31 4.78 -48.92
CA CYS A 137 1.77 5.97 -49.60
C CYS A 137 3.16 6.39 -49.12
N GLU A 138 3.30 6.64 -47.82
CA GLU A 138 4.56 7.13 -47.28
C GLU A 138 5.72 6.19 -47.70
N GLN A 139 5.44 4.89 -47.83
CA GLN A 139 6.47 3.92 -48.24
C GLN A 139 6.88 4.19 -49.70
N ARG A 140 5.89 4.33 -50.59
CA ARG A 140 6.14 4.58 -52.02
C ARG A 140 6.85 5.93 -52.25
N LEU A 141 6.75 6.86 -51.31
CA LEU A 141 7.38 8.18 -51.45
C LEU A 141 8.83 8.09 -50.96
N ARG A 142 9.55 7.17 -51.57
CA ARG A 142 10.95 6.91 -51.30
C ARG A 142 11.60 6.51 -52.65
N THR A 143 12.89 6.79 -52.78
CA THR A 143 13.60 6.68 -54.05
C THR A 143 13.42 5.29 -54.66
N GLU A 144 13.66 5.20 -55.98
CA GLU A 144 13.36 3.99 -56.77
C GLU A 144 13.95 2.73 -56.11
N ASP A 145 15.02 2.85 -55.31
CA ASP A 145 15.77 1.67 -54.88
C ASP A 145 16.17 1.68 -53.40
N LYS A 146 15.67 2.61 -52.58
CA LYS A 146 15.81 2.45 -51.12
C LYS A 146 14.45 2.14 -50.48
N ARG A 147 13.53 1.56 -51.27
CA ARG A 147 12.20 1.23 -50.79
C ARG A 147 12.15 -0.21 -50.28
N ASP A 148 11.20 -0.45 -49.40
CA ASP A 148 11.06 -1.71 -48.77
C ASP A 148 10.04 -2.54 -49.56
N GLU A 149 10.53 -3.31 -50.53
CA GLU A 149 9.62 -4.15 -51.31
C GLU A 149 8.98 -5.21 -50.43
N TYR A 150 9.74 -5.79 -49.49
CA TYR A 150 9.14 -6.77 -48.59
C TYR A 150 7.99 -6.14 -47.80
N LEU A 151 8.21 -4.96 -47.23
CA LEU A 151 7.18 -4.36 -46.36
C LEU A 151 5.93 -4.00 -47.20
N LEU A 152 6.15 -3.34 -48.33
CA LEU A 152 5.02 -2.91 -49.20
C LEU A 152 4.18 -4.11 -49.63
N ASN A 153 4.83 -5.25 -49.89
CA ASN A 153 4.09 -6.44 -50.32
C ASN A 153 3.19 -6.92 -49.19
N LEU A 154 3.74 -7.00 -47.98
CA LEU A 154 2.95 -7.44 -46.87
C LEU A 154 1.82 -6.43 -46.57
N LEU A 155 2.11 -5.13 -46.70
CA LEU A 155 1.07 -4.12 -46.40
C LEU A 155 -0.09 -4.21 -47.40
N GLU A 156 0.23 -4.30 -48.70
CA GLU A 156 -0.79 -4.35 -49.74
C GLU A 156 -1.62 -5.62 -49.62
N LYS A 157 -0.98 -6.73 -49.26
CA LYS A 157 -1.71 -7.95 -49.04
C LYS A 157 -2.59 -7.83 -47.79
N GLU A 158 -2.08 -7.19 -46.75
CA GLU A 158 -2.90 -6.99 -45.55
C GLU A 158 -4.09 -6.06 -45.87
N LEU A 159 -3.86 -5.07 -46.75
CA LEU A 159 -4.95 -4.18 -47.13
C LEU A 159 -6.07 -4.96 -47.81
N ARG A 160 -5.72 -5.83 -48.76
CA ARG A 160 -6.73 -6.57 -49.56
C ARG A 160 -7.60 -7.44 -48.65
N GLU A 161 -7.06 -7.97 -47.55
CA GLU A 161 -7.77 -8.98 -46.75
C GLU A 161 -8.72 -8.38 -45.72
N ILE A 162 -8.95 -7.06 -45.70
CA ILE A 162 -9.84 -6.46 -44.70
C ILE A 162 -11.29 -6.53 -45.20
N SER A 163 -12.13 -7.23 -44.46
CA SER A 163 -13.57 -7.19 -44.73
C SER A 163 -14.11 -5.78 -44.39
N LYS A 164 -15.15 -5.36 -45.10
CA LYS A 164 -15.85 -4.13 -44.78
C LYS A 164 -16.55 -4.26 -43.41
N ALA A 165 -16.81 -5.50 -42.97
CA ALA A 165 -17.34 -5.71 -41.61
C ALA A 165 -16.32 -5.23 -40.57
N GLN A 166 -15.03 -5.53 -40.80
CA GLN A 166 -13.99 -5.37 -39.78
C GLN A 166 -12.99 -4.28 -40.17
N ASP A 167 -13.45 -3.25 -40.89
CA ASP A 167 -12.57 -2.17 -41.29
C ASP A 167 -12.62 -1.05 -40.24
N SER A 168 -12.35 -1.42 -38.99
CA SER A 168 -12.46 -0.53 -37.81
C SER A 168 -11.22 -0.74 -36.93
N LEU A 169 -10.45 0.31 -36.69
CA LEU A 169 -9.34 0.22 -35.73
C LEU A 169 -9.91 -0.21 -34.38
N ILE A 170 -11.00 0.42 -33.95
CA ILE A 170 -11.55 0.13 -32.64
C ILE A 170 -11.95 -1.34 -32.56
N SER A 171 -12.65 -1.84 -33.57
CA SER A 171 -13.15 -3.22 -33.50
C SER A 171 -11.97 -4.21 -33.43
N MET A 172 -10.87 -3.89 -34.11
CA MET A 172 -9.70 -4.75 -34.04
C MET A 172 -9.13 -4.75 -32.61
N TYR A 173 -9.07 -3.59 -31.93
CA TYR A 173 -8.55 -3.59 -30.56
C TYR A 173 -9.53 -4.23 -29.57
N ALA A 174 -10.85 -4.11 -29.78
CA ALA A 174 -11.81 -4.75 -28.88
C ALA A 174 -11.62 -6.28 -28.85
N LYS A 175 -11.00 -6.87 -29.88
CA LYS A 175 -10.82 -8.31 -29.95
C LYS A 175 -9.58 -8.74 -29.17
N LYS A 176 -8.54 -7.89 -29.14
CA LYS A 176 -7.30 -8.22 -28.48
C LYS A 176 -7.52 -8.51 -26.99
N ARG A 177 -6.57 -9.24 -26.39
CA ARG A 177 -6.69 -9.64 -24.98
C ARG A 177 -5.41 -9.40 -24.17
N ASN A 178 -4.56 -8.50 -24.63
CA ASN A 178 -3.23 -8.25 -24.01
C ASN A 178 -3.18 -6.82 -23.46
N HIS A 179 -1.97 -6.28 -23.31
CA HIS A 179 -1.75 -4.95 -22.77
C HIS A 179 -2.16 -3.87 -23.77
N ALA A 180 -1.94 -4.10 -25.06
CA ALA A 180 -2.37 -3.15 -26.11
C ALA A 180 -3.90 -2.95 -26.08
N TRP A 181 -4.65 -4.02 -25.80
CA TRP A 181 -6.09 -3.95 -25.50
C TRP A 181 -6.36 -2.88 -24.43
N PHE A 182 -5.77 -3.04 -23.26
CA PHE A 182 -5.91 -2.12 -22.13
C PHE A 182 -5.54 -0.68 -22.51
N ASP A 183 -4.36 -0.49 -23.10
CA ASP A 183 -3.82 0.84 -23.34
C ASP A 183 -4.65 1.61 -24.38
N PHE A 184 -5.08 0.89 -25.42
CA PHE A 184 -5.86 1.50 -26.50
C PHE A 184 -7.15 2.10 -25.91
N PHE A 185 -7.90 1.30 -25.17
CA PHE A 185 -9.15 1.79 -24.61
C PHE A 185 -8.94 2.69 -23.37
N ARG A 186 -7.79 2.63 -22.72
CA ARG A 186 -7.45 3.65 -21.76
C ARG A 186 -7.33 5.03 -22.43
N ASN A 187 -6.65 5.09 -23.58
CA ASN A 187 -6.50 6.35 -24.25
C ASN A 187 -7.87 6.91 -24.62
N LEU A 188 -8.75 6.06 -25.19
CA LEU A 188 -10.07 6.53 -25.58
C LEU A 188 -10.92 6.97 -24.37
N ALA A 189 -10.86 6.26 -23.25
CA ALA A 189 -11.60 6.66 -22.05
C ALA A 189 -11.10 8.03 -21.55
N LEU A 190 -9.80 8.30 -21.67
CA LEU A 190 -9.27 9.56 -21.22
C LEU A 190 -9.80 10.71 -22.08
N LEU A 191 -10.01 10.46 -23.38
CA LEU A 191 -10.58 11.48 -24.24
C LEU A 191 -12.05 11.71 -23.87
N LYS A 192 -12.75 10.66 -23.51
CA LYS A 192 -14.15 10.84 -23.12
C LYS A 192 -14.22 11.58 -21.78
N ALA A 193 -13.32 11.22 -20.86
CA ALA A 193 -13.19 11.82 -19.54
C ALA A 193 -14.54 11.68 -18.81
N GLY A 194 -15.08 12.75 -18.25
CA GLY A 194 -16.35 12.67 -17.52
C GLY A 194 -17.48 12.10 -18.36
N GLU A 195 -17.47 12.33 -19.68
CA GLU A 195 -18.53 11.84 -20.54
C GLU A 195 -18.67 10.31 -20.41
N ILE A 196 -17.57 9.60 -20.13
CA ILE A 196 -17.68 8.14 -20.05
C ILE A 196 -18.71 7.76 -18.98
N PHE A 197 -18.94 8.63 -18.00
CA PHE A 197 -19.90 8.29 -16.95
C PHE A 197 -21.37 8.50 -17.37
N ARG A 198 -21.63 9.08 -18.54
CA ARG A 198 -22.98 9.15 -19.12
C ARG A 198 -23.42 7.76 -19.61
N SER A 209 -23.76 13.53 -8.99
CA SER A 209 -23.34 14.47 -10.05
C SER A 209 -21.88 14.21 -10.43
N PHE A 210 -21.48 14.70 -11.62
CA PHE A 210 -20.06 14.64 -12.03
C PHE A 210 -19.80 15.74 -13.06
N GLY A 211 -18.68 16.44 -12.88
CA GLY A 211 -18.20 17.41 -13.84
C GLY A 211 -17.54 16.73 -15.04
N GLU A 212 -16.86 17.52 -15.86
CA GLU A 212 -16.49 17.06 -17.19
C GLU A 212 -15.06 16.46 -17.25
N GLY A 213 -14.26 16.62 -16.19
CA GLY A 213 -12.91 16.12 -16.23
C GLY A 213 -12.86 14.66 -15.86
N CYS A 214 -11.65 14.17 -15.56
CA CYS A 214 -11.50 12.86 -15.07
C CYS A 214 -10.16 12.71 -14.35
N ILE A 215 -10.18 11.99 -13.23
CA ILE A 215 -8.99 11.60 -12.50
C ILE A 215 -8.81 10.09 -12.72
N TYR A 216 -7.94 9.75 -13.66
CA TYR A 216 -7.67 8.35 -13.97
C TYR A 216 -6.58 7.84 -13.02
N LEU A 217 -6.91 6.82 -12.23
CA LEU A 217 -5.94 6.23 -11.33
C LEU A 217 -5.78 4.73 -11.63
N ASP A 218 -4.56 4.26 -11.43
CA ASP A 218 -4.26 2.87 -11.35
C ASP A 218 -4.87 2.27 -10.07
N MET A 219 -5.28 1.01 -10.15
CA MET A 219 -5.94 0.35 -9.02
C MET A 219 -4.95 0.07 -7.89
N ASP A 220 -3.63 0.16 -8.12
CA ASP A 220 -2.71 -0.11 -7.03
C ASP A 220 -2.44 1.15 -6.20
N MET A 221 -2.97 2.30 -6.63
CA MET A 221 -2.88 3.54 -5.88
C MET A 221 -3.90 3.54 -4.74
N ILE A 222 -3.44 3.97 -3.56
CA ILE A 222 -4.21 3.94 -2.34
C ILE A 222 -4.44 5.38 -1.89
N LEU A 223 -5.71 5.75 -1.80
CA LEU A 223 -6.07 7.01 -1.19
C LEU A 223 -6.06 6.88 0.34
N THR A 224 -5.61 7.96 0.98
CA THR A 224 -5.50 8.07 2.43
C THR A 224 -6.32 9.23 2.99
N GLY A 225 -6.90 10.07 2.12
CA GLY A 225 -7.77 11.17 2.48
C GLY A 225 -8.35 11.80 1.23
N LYS A 226 -9.12 12.88 1.41
CA LYS A 226 -9.75 13.56 0.31
C LYS A 226 -8.71 14.20 -0.61
N LEU A 227 -9.07 14.34 -1.89
CA LEU A 227 -8.19 14.96 -2.87
C LEU A 227 -8.36 16.48 -2.92
N GLY A 228 -9.57 16.96 -2.73
CA GLY A 228 -9.84 18.36 -2.87
C GLY A 228 -9.63 18.84 -4.30
N THR A 229 -9.31 20.13 -4.41
CA THR A 229 -9.19 20.83 -5.66
C THR A 229 -7.76 20.65 -6.17
N ILE A 230 -7.63 20.21 -7.44
CA ILE A 230 -6.34 19.92 -8.10
C ILE A 230 -6.18 20.95 -9.23
N TYR A 231 -4.93 21.30 -9.52
CA TYR A 231 -4.56 22.16 -10.64
C TYR A 231 -3.58 21.43 -11.56
N ALA A 232 -3.68 21.64 -12.87
CA ALA A 232 -2.77 21.01 -13.83
C ALA A 232 -2.48 22.00 -14.95
N PRO A 233 -1.28 21.94 -15.55
CA PRO A 233 -0.96 22.80 -16.69
C PRO A 233 -1.86 22.51 -17.91
N ASP A 234 -2.64 23.53 -18.28
CA ASP A 234 -3.62 23.38 -19.32
C ASP A 234 -4.59 22.25 -18.98
N GLY A 235 -4.74 22.00 -17.67
CA GLY A 235 -5.66 20.99 -17.16
C GLY A 235 -5.30 19.55 -17.53
N ILE A 236 -4.00 19.26 -17.75
CA ILE A 236 -3.53 17.89 -17.88
C ILE A 236 -2.29 17.71 -17.00
N SER A 237 -2.25 16.57 -16.28
CA SER A 237 -1.10 16.11 -15.54
C SER A 237 -0.99 14.58 -15.59
N MET A 238 0.22 14.09 -15.29
CA MET A 238 0.59 12.70 -15.38
C MET A 238 1.52 12.33 -14.22
N HIS A 239 1.36 11.09 -13.73
CA HIS A 239 2.24 10.56 -12.71
C HIS A 239 3.71 10.61 -13.18
N VAL A 240 4.59 11.07 -12.28
CA VAL A 240 6.02 10.92 -12.45
C VAL A 240 6.55 10.09 -11.30
N ASP A 241 7.10 8.93 -11.63
CA ASP A 241 7.65 8.02 -10.62
C ASP A 241 9.07 8.45 -10.25
N ARG A 242 9.26 8.86 -8.99
CA ARG A 242 10.53 9.39 -8.51
C ARG A 242 11.21 8.44 -7.51
N ARG A 243 11.29 7.15 -7.85
CA ARG A 243 11.87 6.14 -6.96
C ARG A 243 13.11 5.57 -7.62
N ASN A 244 14.09 5.20 -6.79
CA ASN A 244 15.39 4.63 -7.19
C ASN A 244 16.31 5.72 -7.77
N ASP A 245 16.12 6.96 -7.29
CA ASP A 245 16.84 8.16 -7.78
C ASP A 245 16.68 8.33 -9.29
N SER A 246 15.67 7.65 -9.86
CA SER A 246 15.30 7.77 -11.28
C SER A 246 13.99 8.56 -11.38
N VAL A 247 13.73 9.07 -12.59
CA VAL A 247 12.59 9.90 -12.83
C VAL A 247 11.94 9.46 -14.14
N ASN A 248 10.74 8.85 -14.04
CA ASN A 248 10.07 8.34 -15.22
C ASN A 248 8.64 8.85 -15.22
N ILE A 249 8.21 9.36 -16.37
CA ILE A 249 6.80 9.62 -16.59
C ILE A 249 6.09 8.27 -16.79
N GLU A 250 4.96 8.09 -16.12
CA GLU A 250 4.15 6.88 -16.13
C GLU A 250 2.72 7.21 -16.50
N ASN A 251 2.05 6.30 -17.22
CA ASN A 251 0.64 6.54 -17.59
C ASN A 251 -0.31 6.02 -16.50
N SER A 252 0.22 5.63 -15.34
CA SER A 252 -0.61 4.93 -14.33
C SER A 252 -1.61 5.89 -13.68
N ALA A 253 -1.37 7.20 -13.80
CA ALA A 253 -2.26 8.21 -13.26
C ALA A 253 -2.25 9.39 -14.22
N ILE A 254 -3.44 9.76 -14.69
CA ILE A 254 -3.60 10.90 -15.56
C ILE A 254 -4.84 11.69 -15.14
N ILE A 255 -4.65 13.02 -15.07
CA ILE A 255 -5.68 14.02 -14.71
C ILE A 255 -5.98 14.88 -15.92
N VAL A 256 -7.26 15.05 -16.26
CA VAL A 256 -7.64 15.95 -17.35
C VAL A 256 -8.80 16.82 -16.85
N ASN A 257 -8.85 18.05 -17.33
CA ASN A 257 -9.89 18.98 -16.86
C ASN A 257 -11.12 18.95 -17.79
N ARG A 258 -11.08 18.20 -18.89
CA ARG A 258 -12.13 18.30 -19.89
C ARG A 258 -12.03 17.11 -20.84
N SER A 259 -13.17 16.79 -21.47
CA SER A 259 -13.23 15.77 -22.51
C SER A 259 -12.51 16.26 -23.79
N ASN A 260 -12.00 15.30 -24.58
CA ASN A 260 -11.28 15.56 -25.84
C ASN A 260 -10.15 16.57 -25.63
N HIS A 261 -9.42 16.46 -24.53
CA HIS A 261 -8.28 17.36 -24.29
C HIS A 261 -7.34 17.32 -25.49
N PRO A 262 -6.88 18.49 -25.99
CA PRO A 262 -6.05 18.51 -27.18
C PRO A 262 -4.70 17.78 -27.02
N ALA A 263 -4.15 17.71 -25.80
CA ALA A 263 -2.90 16.95 -25.63
C ALA A 263 -3.14 15.46 -25.89
N LEU A 264 -4.35 14.97 -25.56
CA LEU A 264 -4.77 13.61 -25.82
C LEU A 264 -5.19 13.44 -27.28
N LEU A 265 -5.72 14.48 -27.95
CA LEU A 265 -6.03 14.32 -29.38
C LEU A 265 -4.74 14.15 -30.18
N GLU A 266 -3.66 14.81 -29.77
CA GLU A 266 -2.35 14.50 -30.34
C GLU A 266 -2.07 13.00 -30.20
N GLY A 267 -2.36 12.40 -29.06
CA GLY A 267 -2.12 11.00 -28.90
C GLY A 267 -3.01 10.18 -29.82
N LEU A 268 -4.24 10.66 -30.03
CA LEU A 268 -5.15 9.96 -30.95
C LEU A 268 -4.54 9.95 -32.36
N SER A 269 -3.97 11.08 -32.79
CA SER A 269 -3.33 11.14 -34.11
C SER A 269 -2.24 10.05 -34.23
N PHE A 270 -1.34 9.94 -33.25
CA PHE A 270 -0.35 8.83 -33.25
C PHE A 270 -1.03 7.45 -33.34
N MET A 271 -2.08 7.21 -32.56
CA MET A 271 -2.77 5.93 -32.56
C MET A 271 -3.31 5.60 -33.96
N HIS A 272 -3.83 6.62 -34.67
CA HIS A 272 -4.39 6.51 -36.01
C HIS A 272 -3.34 6.33 -37.11
N SER A 273 -2.05 6.53 -36.82
CA SER A 273 -1.02 6.39 -37.85
C SER A 273 -0.46 4.97 -37.92
N LYS A 274 -0.89 4.08 -37.02
CA LYS A 274 -0.39 2.71 -36.95
C LYS A 274 -1.59 1.77 -36.97
N VAL A 275 -1.37 0.55 -37.47
CA VAL A 275 -2.33 -0.50 -37.37
C VAL A 275 -2.06 -1.26 -36.06
N ASP A 276 -1.01 -2.05 -36.03
CA ASP A 276 -0.60 -2.71 -34.80
C ASP A 276 0.63 -2.00 -34.25
N ALA A 277 0.39 -0.95 -33.45
CA ALA A 277 1.45 -0.23 -32.72
C ALA A 277 2.23 -1.19 -31.81
N HIS A 278 3.55 -1.00 -31.75
CA HIS A 278 4.43 -1.86 -30.99
C HIS A 278 4.39 -1.51 -29.51
N PRO A 279 4.73 -2.45 -28.60
CA PRO A 279 4.80 -2.12 -27.19
C PRO A 279 5.76 -0.93 -27.03
N TYR A 280 5.43 -0.02 -26.13
CA TYR A 280 6.32 1.12 -25.82
C TYR A 280 6.33 2.16 -26.95
N TYR A 281 5.54 1.99 -28.02
CA TYR A 281 5.25 3.12 -28.90
C TYR A 281 4.66 4.30 -28.08
N ASP A 282 3.77 3.99 -27.14
CA ASP A 282 3.22 4.96 -26.20
C ASP A 282 2.67 6.18 -26.95
N GLY A 283 1.54 6.00 -27.65
CA GLY A 283 0.86 7.07 -28.33
C GLY A 283 0.46 8.17 -27.36
N LEU A 284 -0.06 7.76 -26.20
CA LEU A 284 -0.50 8.69 -25.14
C LEU A 284 0.64 9.65 -24.79
N GLY A 285 1.73 9.10 -24.29
CA GLY A 285 2.86 9.89 -23.89
C GLY A 285 3.39 10.74 -25.03
N LYS A 286 3.35 10.19 -26.26
CA LYS A 286 3.90 10.95 -27.42
C LYS A 286 3.03 12.18 -27.71
N GLY A 287 1.72 12.04 -27.64
CA GLY A 287 0.85 13.17 -27.87
C GLY A 287 1.06 14.28 -26.83
N VAL A 288 1.10 13.91 -25.54
CA VAL A 288 1.22 14.88 -24.50
C VAL A 288 2.54 15.65 -24.69
N LYS A 289 3.65 14.92 -24.88
CA LYS A 289 4.96 15.56 -25.08
C LYS A 289 4.92 16.48 -26.32
N LYS A 290 4.27 16.03 -27.39
CA LYS A 290 4.19 16.83 -28.61
C LYS A 290 3.40 18.11 -28.35
N TYR A 291 2.31 18.01 -27.59
CA TYR A 291 1.44 19.13 -27.29
C TYR A 291 2.21 20.23 -26.54
N PHE A 292 3.18 19.85 -25.70
CA PHE A 292 3.91 20.80 -24.86
C PHE A 292 5.28 21.10 -25.46
N ASN A 293 5.47 20.68 -26.70
CA ASN A 293 6.75 20.81 -27.39
C ASN A 293 7.87 20.20 -26.54
N PHE A 294 7.61 19.05 -25.91
CA PHE A 294 8.69 18.30 -25.28
C PHE A 294 9.33 17.33 -26.30
N THR A 295 10.49 17.76 -26.82
CA THR A 295 11.25 17.04 -27.82
C THR A 295 12.36 16.22 -27.14
N PRO A 296 12.92 15.20 -27.85
CA PRO A 296 13.99 14.38 -27.30
C PRO A 296 15.26 15.16 -26.94
N LEU A 297 15.28 16.47 -27.23
CA LEU A 297 16.41 17.36 -26.96
C LEU A 297 16.17 18.31 -25.80
N HIS A 298 14.93 18.42 -25.32
CA HIS A 298 14.59 19.27 -24.19
C HIS A 298 15.00 18.60 -22.86
N ASN A 299 14.84 19.34 -21.76
CA ASN A 299 15.28 18.89 -20.44
C ASN A 299 14.21 17.96 -19.86
N TYR A 300 14.56 16.69 -19.68
CA TYR A 300 13.62 15.67 -19.25
C TYR A 300 13.13 15.99 -17.83
N ASN A 301 14.05 16.40 -16.96
CA ASN A 301 13.72 16.62 -15.57
C ASN A 301 12.78 17.82 -15.41
N HIS A 302 12.98 18.87 -16.22
CA HIS A 302 12.12 20.04 -16.12
C HIS A 302 10.71 19.68 -16.58
N PHE A 303 10.64 18.86 -17.61
CA PHE A 303 9.30 18.50 -18.08
C PHE A 303 8.60 17.64 -17.03
N CYS A 304 9.34 16.74 -16.36
CA CYS A 304 8.78 15.97 -15.22
C CYS A 304 8.25 16.91 -14.13
N ASP A 305 9.05 17.90 -13.72
CA ASP A 305 8.58 18.84 -12.71
C ASP A 305 7.27 19.46 -13.15
N PHE A 306 7.21 19.87 -14.41
CA PHE A 306 6.11 20.65 -14.91
C PHE A 306 4.82 19.81 -15.03
N ILE A 307 4.92 18.54 -15.46
CA ILE A 307 3.74 17.74 -15.88
C ILE A 307 3.14 16.95 -14.72
N GLU A 308 3.91 16.75 -13.66
CA GLU A 308 3.70 15.75 -12.63
C GLU A 308 2.37 15.97 -11.90
N PHE A 309 1.65 14.86 -11.71
CA PHE A 309 0.60 14.79 -10.75
C PHE A 309 1.10 14.02 -9.52
N ASN A 310 1.23 14.72 -8.39
CA ASN A 310 1.51 14.10 -7.09
C ASN A 310 0.47 14.63 -6.10
N HIS A 311 0.13 13.82 -5.12
CA HIS A 311 -0.86 14.22 -4.16
C HIS A 311 -0.49 13.61 -2.83
N PRO A 312 -0.44 14.43 -1.75
CA PRO A 312 -0.13 13.89 -0.43
C PRO A 312 -1.03 12.71 -0.03
N ASN A 313 -2.27 12.66 -0.54
CA ASN A 313 -3.22 11.66 -0.06
C ASN A 313 -3.37 10.47 -1.02
N ILE A 314 -2.46 10.33 -1.99
CA ILE A 314 -2.42 9.15 -2.81
C ILE A 314 -1.03 8.55 -2.66
N ILE A 315 -0.98 7.28 -2.28
CA ILE A 315 0.23 6.53 -2.30
C ILE A 315 0.38 5.94 -3.71
N MET A 316 1.38 6.42 -4.44
CA MET A 316 1.55 6.06 -5.85
C MET A 316 2.74 5.11 -6.00
N GLN B 22 -21.05 -2.45 28.07
CA GLN B 22 -21.25 -3.60 27.14
C GLN B 22 -20.31 -4.76 27.51
N THR B 23 -20.78 -5.99 27.26
CA THR B 23 -20.17 -7.21 27.74
C THR B 23 -20.04 -8.22 26.60
N VAL B 24 -18.87 -8.87 26.55
CA VAL B 24 -18.63 -10.02 25.70
C VAL B 24 -18.17 -11.18 26.60
N SER B 25 -18.23 -12.39 26.06
CA SER B 25 -17.82 -13.57 26.77
C SER B 25 -17.10 -14.52 25.80
N PHE B 26 -16.15 -15.29 26.34
CA PHE B 26 -15.52 -16.36 25.59
C PHE B 26 -15.15 -17.50 26.56
N ALA B 27 -15.37 -18.73 26.09
CA ALA B 27 -15.00 -19.96 26.83
C ALA B 27 -15.74 -20.06 28.17
N GLY B 28 -16.90 -19.41 28.26
CA GLY B 28 -17.72 -19.42 29.47
C GLY B 28 -17.69 -18.09 30.21
N LYS B 29 -16.47 -17.59 30.46
CA LYS B 29 -16.24 -16.41 31.26
C LYS B 29 -16.70 -15.17 30.50
N GLU B 30 -17.21 -14.18 31.25
CA GLU B 30 -17.61 -12.91 30.66
C GLU B 30 -16.50 -11.89 30.88
N TYR B 31 -16.42 -10.93 29.96
CA TYR B 31 -15.41 -9.89 29.99
C TYR B 31 -16.05 -8.56 29.61
N GLU B 32 -15.54 -7.48 30.18
CA GLU B 32 -16.01 -6.14 29.87
C GLU B 32 -15.31 -5.67 28.58
N LEU B 33 -16.01 -4.83 27.80
CA LEU B 33 -15.39 -4.11 26.68
C LEU B 33 -14.90 -2.75 27.19
N LYS B 34 -13.59 -2.62 27.33
CA LYS B 34 -12.99 -1.42 27.87
C LYS B 34 -12.57 -0.50 26.73
N VAL B 35 -12.60 0.80 27.00
CA VAL B 35 -12.44 1.84 26.00
C VAL B 35 -10.96 2.20 25.89
N ILE B 36 -10.57 2.60 24.69
CA ILE B 36 -9.23 3.07 24.38
C ILE B 36 -9.39 4.45 23.75
N ASP B 37 -9.19 5.49 24.57
CA ASP B 37 -9.50 6.88 24.20
C ASP B 37 -8.83 7.25 22.88
N GLU B 38 -9.34 8.30 22.26
CA GLU B 38 -8.69 8.86 21.09
C GLU B 38 -7.43 9.65 21.49
N LYS B 39 -7.01 9.64 22.76
CA LYS B 39 -5.67 10.11 23.14
C LYS B 39 -4.69 8.95 23.35
N THR B 40 -5.12 7.70 23.12
CA THR B 40 -4.21 6.59 23.20
C THR B 40 -3.16 6.75 22.11
N PRO B 41 -1.86 6.79 22.44
CA PRO B 41 -0.84 7.00 21.43
C PRO B 41 -0.58 5.74 20.59
N ILE B 42 0.08 5.92 19.45
CA ILE B 42 0.35 4.86 18.48
C ILE B 42 1.85 4.55 18.53
N LEU B 43 2.17 3.26 18.60
CA LEU B 43 3.55 2.82 18.65
C LEU B 43 3.86 1.94 17.43
N PHE B 44 5.03 2.20 16.82
CA PHE B 44 5.64 1.35 15.82
C PHE B 44 6.99 0.92 16.36
N GLN B 45 7.49 -0.21 15.88
CA GLN B 45 8.79 -0.67 16.28
C GLN B 45 9.64 -1.04 15.05
N TRP B 46 10.93 -0.75 15.15
CA TRP B 46 11.88 -1.04 14.13
C TRP B 46 13.22 -1.36 14.79
N PHE B 47 13.58 -2.64 14.81
CA PHE B 47 14.86 -3.08 15.33
C PHE B 47 15.70 -3.54 14.14
N GLU B 48 16.80 -2.81 13.91
CA GLU B 48 17.51 -2.87 12.63
C GLU B 48 18.78 -3.71 12.78
N PRO B 49 18.80 -4.95 12.23
CA PRO B 49 20.01 -5.76 12.27
C PRO B 49 21.17 -5.18 11.43
N ASN B 50 20.84 -4.51 10.31
CA ASN B 50 21.82 -4.11 9.29
C ASN B 50 21.76 -2.61 9.08
N PRO B 51 22.20 -1.80 10.08
CA PRO B 51 22.14 -0.36 9.92
C PRO B 51 23.10 0.15 8.84
N GLU B 52 24.17 -0.59 8.54
CA GLU B 52 25.16 -0.12 7.54
C GLU B 52 24.60 -0.23 6.12
N ARG B 53 23.42 -0.85 5.93
CA ARG B 53 22.85 -1.06 4.60
C ARG B 53 21.86 0.04 4.22
N TYR B 54 22.05 1.26 4.75
CA TYR B 54 21.29 2.41 4.30
C TYR B 54 22.25 3.43 3.69
N LYS B 55 21.68 4.44 3.03
CA LYS B 55 22.50 5.49 2.43
C LYS B 55 22.87 6.52 3.49
N LYS B 56 23.93 7.29 3.20
CA LYS B 56 24.30 8.40 4.05
C LYS B 56 23.06 9.30 4.22
N ASP B 57 22.96 9.88 5.43
CA ASP B 57 21.90 10.85 5.81
C ASP B 57 20.50 10.22 5.76
N GLU B 58 20.39 8.90 5.52
CA GLU B 58 19.09 8.24 5.35
C GLU B 58 18.63 7.68 6.70
N VAL B 59 17.38 7.97 7.07
CA VAL B 59 16.77 7.33 8.24
C VAL B 59 16.77 5.82 8.02
N PRO B 60 17.32 5.03 8.98
CA PRO B 60 17.45 3.58 8.81
C PRO B 60 16.17 2.75 8.98
N ILE B 61 15.10 3.15 8.27
CA ILE B 61 13.85 2.42 8.25
C ILE B 61 13.50 2.20 6.79
N VAL B 62 13.35 0.95 6.38
CA VAL B 62 13.07 0.67 4.96
C VAL B 62 11.91 1.54 4.50
N ASN B 63 12.04 2.07 3.27
CA ASN B 63 11.01 2.94 2.70
C ASN B 63 11.00 2.78 1.17
N THR B 64 10.87 1.53 0.71
CA THR B 64 10.76 1.17 -0.70
C THR B 64 9.28 1.15 -1.09
N LYS B 65 8.98 0.85 -2.36
CA LYS B 65 7.57 0.77 -2.78
C LYS B 65 6.98 -0.55 -2.26
N GLN B 66 7.81 -1.59 -2.20
CA GLN B 66 7.43 -2.85 -1.56
C GLN B 66 7.09 -2.61 -0.08
N HIS B 67 8.05 -2.03 0.66
CA HIS B 67 7.90 -1.76 2.07
C HIS B 67 8.08 -0.27 2.32
N PRO B 68 7.02 0.54 2.12
CA PRO B 68 7.07 1.97 2.42
C PRO B 68 6.81 2.23 3.91
N TYR B 69 7.65 1.63 4.76
CA TYR B 69 7.42 1.60 6.20
C TYR B 69 7.50 3.02 6.76
N LEU B 70 8.57 3.74 6.44
CA LEU B 70 8.70 5.09 6.98
C LEU B 70 7.57 6.00 6.50
N ASP B 71 7.16 5.87 5.23
CA ASP B 71 6.03 6.66 4.72
C ASP B 71 4.73 6.29 5.44
N ASN B 72 4.55 5.02 5.79
CA ASN B 72 3.36 4.63 6.51
C ASN B 72 3.31 5.27 7.90
N VAL B 73 4.46 5.32 8.56
CA VAL B 73 4.51 5.89 9.90
C VAL B 73 4.22 7.38 9.84
N THR B 74 4.96 8.08 8.99
CA THR B 74 4.74 9.54 8.85
C THR B 74 3.32 9.80 8.34
N ASN B 75 2.81 8.93 7.47
CA ASN B 75 1.42 9.06 7.03
C ASN B 75 0.49 8.96 8.24
N ALA B 76 0.73 7.96 9.10
CA ALA B 76 -0.11 7.75 10.28
C ALA B 76 -0.03 8.98 11.20
N ALA B 77 1.16 9.56 11.33
CA ALA B 77 1.32 10.74 12.17
C ALA B 77 0.52 11.93 11.62
N ARG B 78 0.40 12.07 10.30
CA ARG B 78 -0.34 13.21 9.73
C ARG B 78 -1.84 13.05 9.98
N ILE B 79 -2.35 11.82 9.82
CA ILE B 79 -3.77 11.56 9.99
C ILE B 79 -4.14 11.77 11.47
N GLU B 80 -3.35 11.19 12.36
CA GLU B 80 -3.62 11.28 13.80
C GLU B 80 -2.92 12.52 14.40
N SER B 81 -3.20 13.69 13.82
CA SER B 81 -2.51 14.95 14.18
C SER B 81 -2.64 15.24 15.68
N ASP B 82 -3.68 14.70 16.32
CA ASP B 82 -3.98 14.91 17.71
C ASP B 82 -3.39 13.83 18.62
N ARG B 83 -2.91 12.71 18.08
CA ARG B 83 -2.28 11.65 18.88
C ARG B 83 -0.75 11.79 18.79
N MET B 84 -0.07 11.05 19.66
CA MET B 84 1.37 10.94 19.65
C MET B 84 1.79 9.60 19.00
N ILE B 85 2.68 9.69 18.01
CA ILE B 85 3.16 8.53 17.27
C ILE B 85 4.61 8.28 17.69
N GLY B 86 4.88 7.06 18.16
CA GLY B 86 6.21 6.65 18.59
C GLY B 86 6.80 5.62 17.65
N ILE B 87 8.10 5.71 17.40
CA ILE B 87 8.84 4.64 16.77
C ILE B 87 9.87 4.12 17.77
N PHE B 88 9.66 2.89 18.23
CA PHE B 88 10.48 2.22 19.23
C PHE B 88 11.62 1.50 18.50
N VAL B 89 12.85 2.02 18.61
CA VAL B 89 13.95 1.55 17.76
C VAL B 89 15.11 1.01 18.60
N ASP B 90 15.93 0.20 17.93
CA ASP B 90 17.16 -0.34 18.47
C ASP B 90 18.07 -0.76 17.32
N GLY B 91 19.37 -0.80 17.60
CA GLY B 91 20.37 -1.14 16.62
C GLY B 91 21.61 -0.27 16.77
N ASP B 92 22.72 -0.67 16.15
CA ASP B 92 23.98 0.06 16.27
C ASP B 92 23.99 1.19 15.24
N PHE B 93 23.21 2.23 15.53
CA PHE B 93 23.06 3.33 14.60
C PHE B 93 24.24 4.30 14.74
N SER B 94 24.79 4.72 13.60
CA SER B 94 25.77 5.77 13.56
C SER B 94 25.15 7.08 14.06
N VAL B 95 26.02 8.05 14.37
CA VAL B 95 25.59 9.35 14.83
C VAL B 95 24.98 10.12 13.65
N ASN B 96 25.44 9.84 12.42
CA ASN B 96 24.80 10.39 11.23
C ASN B 96 23.34 9.94 11.15
N GLN B 97 23.09 8.65 11.41
CA GLN B 97 21.72 8.12 11.40
C GLN B 97 20.94 8.66 12.61
N LYS B 98 21.60 8.83 13.77
CA LYS B 98 20.91 9.34 14.95
C LYS B 98 20.31 10.71 14.68
N THR B 99 21.07 11.56 13.99
CA THR B 99 20.57 12.92 13.77
C THR B 99 19.51 12.93 12.67
N ALA B 100 19.59 12.00 11.71
CA ALA B 100 18.51 11.84 10.73
C ALA B 100 17.21 11.48 11.47
N PHE B 101 17.32 10.62 12.49
CA PHE B 101 16.18 10.38 13.39
C PHE B 101 15.71 11.68 14.04
N SER B 102 16.65 12.48 14.52
CA SER B 102 16.29 13.72 15.22
C SER B 102 15.67 14.72 14.22
N LYS B 103 16.19 14.76 12.99
CA LYS B 103 15.55 15.53 11.92
C LYS B 103 14.07 15.12 11.79
N LEU B 104 13.80 13.81 11.83
CA LEU B 104 12.41 13.30 11.73
C LEU B 104 11.56 13.87 12.88
N GLU B 105 12.08 13.81 14.10
CA GLU B 105 11.36 14.35 15.25
C GLU B 105 11.05 15.84 15.03
N ARG B 106 11.98 16.58 14.42
CA ARG B 106 11.81 18.01 14.19
C ARG B 106 10.68 18.28 13.19
N ASP B 107 10.71 17.60 12.04
CA ASP B 107 9.80 17.91 10.94
C ASP B 107 8.36 17.42 11.20
N PHE B 108 8.10 16.77 12.34
CA PHE B 108 6.77 16.26 12.68
C PHE B 108 6.51 16.49 14.17
N GLU B 109 5.45 17.23 14.49
CA GLU B 109 5.17 17.62 15.87
C GLU B 109 4.96 16.39 16.75
N ASN B 110 4.33 15.34 16.21
CA ASN B 110 3.79 14.26 17.03
C ASN B 110 4.56 12.93 16.84
N VAL B 111 5.84 13.00 16.47
CA VAL B 111 6.64 11.80 16.26
C VAL B 111 7.79 11.82 17.26
N MET B 112 7.81 10.81 18.15
CA MET B 112 8.87 10.60 19.12
C MET B 112 9.70 9.38 18.67
N ILE B 113 11.02 9.55 18.56
CA ILE B 113 11.92 8.42 18.41
C ILE B 113 12.32 7.95 19.82
N ILE B 114 12.03 6.67 20.09
CA ILE B 114 12.22 6.06 21.40
C ILE B 114 13.28 4.96 21.27
N TYR B 115 14.52 5.29 21.61
CA TYR B 115 15.57 4.30 21.62
C TYR B 115 15.39 3.35 22.81
N ARG B 116 15.54 2.03 22.55
CA ARG B 116 15.45 1.04 23.62
C ARG B 116 16.45 1.36 24.74
N GLU B 117 17.68 1.73 24.38
CA GLU B 117 18.74 1.91 25.37
C GLU B 117 18.35 3.03 26.36
N ASP B 118 17.56 4.00 25.91
CA ASP B 118 17.08 5.08 26.78
C ASP B 118 15.84 4.68 27.58
N VAL B 119 15.24 3.51 27.33
CA VAL B 119 14.07 3.10 28.11
C VAL B 119 14.53 2.34 29.35
N ASP B 120 13.83 2.59 30.45
CA ASP B 120 14.03 1.93 31.71
C ASP B 120 13.07 0.73 31.77
N PHE B 121 13.57 -0.43 31.36
CA PHE B 121 12.79 -1.68 31.46
C PHE B 121 13.13 -2.43 32.74
N SER B 122 13.94 -1.84 33.62
CA SER B 122 14.52 -2.55 34.77
C SER B 122 13.43 -3.29 35.56
N MET B 123 12.28 -2.65 35.74
CA MET B 123 11.21 -3.23 36.56
C MET B 123 10.64 -4.52 35.94
N TYR B 124 11.13 -4.93 34.77
CA TYR B 124 10.69 -6.22 34.19
C TYR B 124 11.86 -7.21 34.07
N ASP B 125 13.05 -6.79 34.52
CA ASP B 125 14.27 -7.58 34.37
C ASP B 125 14.31 -8.73 35.38
N ARG B 126 15.18 -9.70 35.15
CA ARG B 126 15.43 -10.80 36.08
C ARG B 126 16.90 -11.20 36.02
N LYS B 127 17.41 -11.67 37.17
CA LYS B 127 18.74 -12.27 37.25
C LYS B 127 18.78 -13.50 36.33
N LEU B 128 19.80 -13.56 35.47
CA LEU B 128 20.06 -14.82 34.77
C LEU B 128 20.44 -15.93 35.76
N SER B 129 21.12 -15.56 36.86
CA SER B 129 21.40 -16.47 37.97
C SER B 129 20.14 -17.23 38.36
N ASP B 130 19.12 -16.50 38.79
CA ASP B 130 17.92 -17.11 39.37
C ASP B 130 17.19 -17.98 38.36
N ILE B 131 17.26 -17.62 37.08
CA ILE B 131 16.61 -18.46 36.06
C ILE B 131 17.34 -19.79 35.98
N TYR B 132 18.67 -19.73 35.94
CA TYR B 132 19.47 -20.95 35.86
C TYR B 132 19.23 -21.85 37.07
N HIS B 133 19.13 -21.24 38.26
CA HIS B 133 18.89 -22.00 39.49
C HIS B 133 17.61 -22.82 39.39
N ASP B 134 16.53 -22.23 38.86
CA ASP B 134 15.27 -22.96 38.74
C ASP B 134 15.35 -24.01 37.63
N ILE B 135 16.05 -23.72 36.52
CA ILE B 135 16.17 -24.74 35.45
C ILE B 135 16.99 -25.92 35.96
N ILE B 136 18.10 -25.62 36.63
CA ILE B 136 18.95 -26.62 37.23
C ILE B 136 18.19 -27.35 38.35
N CYS B 137 17.44 -26.62 39.20
CA CYS B 137 16.75 -27.21 40.34
C CYS B 137 15.82 -28.28 39.77
N GLU B 138 15.15 -27.90 38.68
CA GLU B 138 14.16 -28.73 38.10
C GLU B 138 14.78 -29.99 37.46
N GLN B 139 15.95 -29.85 36.85
CA GLN B 139 16.58 -30.96 36.17
C GLN B 139 16.97 -32.06 37.17
N ARG B 140 17.46 -31.67 38.34
CA ARG B 140 17.94 -32.65 39.35
C ARG B 140 16.78 -33.43 39.97
N LEU B 141 15.53 -32.99 39.80
CA LEU B 141 14.42 -33.71 40.42
C LEU B 141 14.02 -34.93 39.59
N ARG B 142 15.01 -35.63 39.00
CA ARG B 142 14.78 -37.00 38.49
C ARG B 142 16.09 -37.80 38.52
N ARG B 147 16.41 -37.90 33.31
CA ARG B 147 17.64 -37.30 33.81
C ARG B 147 18.68 -37.13 32.68
N ASP B 148 19.26 -35.92 32.61
CA ASP B 148 20.06 -35.51 31.45
C ASP B 148 21.38 -34.92 31.94
N GLU B 149 22.41 -35.76 31.98
CA GLU B 149 23.72 -35.34 32.47
C GLU B 149 24.36 -34.30 31.55
N TYR B 150 24.21 -34.49 30.23
CA TYR B 150 24.81 -33.56 29.29
C TYR B 150 24.25 -32.16 29.52
N LEU B 151 22.92 -32.04 29.50
CA LEU B 151 22.25 -30.75 29.72
C LEU B 151 22.59 -30.22 31.12
N LEU B 152 22.56 -31.09 32.13
CA LEU B 152 22.92 -30.70 33.49
C LEU B 152 24.35 -30.18 33.53
N ASN B 153 25.26 -30.94 32.94
CA ASN B 153 26.64 -30.53 32.86
C ASN B 153 26.71 -29.10 32.28
N LEU B 154 26.06 -28.91 31.14
CA LEU B 154 26.20 -27.64 30.37
C LEU B 154 25.53 -26.46 31.10
N LEU B 155 24.39 -26.70 31.76
CA LEU B 155 23.70 -25.64 32.51
C LEU B 155 24.56 -25.18 33.70
N GLU B 156 25.21 -26.13 34.39
CA GLU B 156 26.05 -25.81 35.55
C GLU B 156 27.18 -24.86 35.12
N LYS B 157 27.77 -25.11 33.95
CA LYS B 157 28.89 -24.28 33.45
C LYS B 157 28.41 -22.87 33.15
N GLU B 158 27.40 -22.78 32.28
CA GLU B 158 26.84 -21.49 31.89
C GLU B 158 26.52 -20.66 33.13
N LEU B 159 26.05 -21.30 34.22
CA LEU B 159 25.74 -20.59 35.47
C LEU B 159 27.02 -20.04 36.10
N ARG B 160 28.11 -20.81 36.06
CA ARG B 160 29.35 -20.43 36.76
C ARG B 160 30.13 -19.37 35.96
N GLU B 161 29.73 -19.17 34.71
CA GLU B 161 30.39 -18.32 33.77
C GLU B 161 29.67 -16.97 33.72
N ILE B 162 28.79 -16.74 34.68
CA ILE B 162 27.96 -15.54 34.69
C ILE B 162 28.54 -14.49 35.64
N SER B 163 28.87 -13.33 35.09
CA SER B 163 29.40 -12.24 35.89
C SER B 163 28.25 -11.47 36.55
N LYS B 164 28.58 -10.63 37.54
CA LYS B 164 27.57 -9.94 38.36
C LYS B 164 26.79 -8.87 37.57
N ALA B 165 27.45 -8.20 36.62
CA ALA B 165 26.77 -7.36 35.63
C ALA B 165 25.98 -8.21 34.64
N GLN B 166 26.63 -9.29 34.21
CA GLN B 166 26.19 -10.04 33.06
C GLN B 166 24.81 -10.65 33.31
N ASP B 167 24.47 -10.92 34.58
CA ASP B 167 23.20 -11.56 34.92
C ASP B 167 22.10 -10.50 34.95
N SER B 168 21.84 -9.95 33.78
CA SER B 168 20.61 -9.29 33.48
C SER B 168 20.01 -10.07 32.30
N LEU B 169 18.74 -10.43 32.38
CA LEU B 169 18.10 -10.98 31.22
C LEU B 169 17.94 -9.91 30.14
N ILE B 170 17.63 -8.68 30.55
CA ILE B 170 17.51 -7.55 29.62
C ILE B 170 18.84 -7.34 28.89
N SER B 171 19.93 -7.23 29.65
CA SER B 171 21.22 -6.89 29.08
C SER B 171 21.71 -7.99 28.14
N MET B 172 21.24 -9.24 28.35
CA MET B 172 21.54 -10.30 27.39
C MET B 172 20.77 -10.01 26.09
N TYR B 173 19.43 -9.92 26.17
CA TYR B 173 18.62 -9.82 24.97
C TYR B 173 18.90 -8.53 24.17
N ALA B 174 19.42 -7.49 24.84
CA ALA B 174 19.82 -6.26 24.17
C ALA B 174 21.08 -6.47 23.33
N LYS B 175 21.93 -7.44 23.72
CA LYS B 175 23.11 -7.79 22.95
C LYS B 175 22.69 -8.45 21.63
N LYS B 176 21.54 -9.15 21.64
CA LYS B 176 21.08 -9.91 20.48
C LYS B 176 20.80 -8.99 19.29
N ARG B 177 20.65 -9.59 18.11
CA ARG B 177 20.29 -8.87 16.89
C ARG B 177 19.36 -9.67 15.97
N ASN B 178 18.65 -10.65 16.53
CA ASN B 178 17.87 -11.58 15.74
C ASN B 178 16.37 -11.29 15.92
N HIS B 179 15.53 -12.29 15.65
CA HIS B 179 14.10 -12.18 15.90
C HIS B 179 13.80 -12.03 17.41
N ALA B 180 14.58 -12.73 18.25
CA ALA B 180 14.35 -12.76 19.68
C ALA B 180 14.56 -11.35 20.28
N TRP B 181 15.61 -10.67 19.80
CA TRP B 181 15.83 -9.23 20.04
C TRP B 181 14.52 -8.45 19.93
N PHE B 182 13.86 -8.59 18.77
CA PHE B 182 12.69 -7.78 18.45
C PHE B 182 11.51 -8.14 19.35
N ASP B 183 11.19 -9.44 19.46
CA ASP B 183 9.99 -9.89 20.19
C ASP B 183 10.14 -9.64 21.69
N PHE B 184 11.35 -9.80 22.21
CA PHE B 184 11.58 -9.58 23.63
C PHE B 184 11.31 -8.12 24.00
N PHE B 185 11.93 -7.16 23.30
CA PHE B 185 11.70 -5.78 23.68
C PHE B 185 10.33 -5.28 23.23
N ARG B 186 9.64 -6.02 22.36
CA ARG B 186 8.28 -5.67 21.99
C ARG B 186 7.30 -5.92 23.15
N ASN B 187 7.42 -7.07 23.82
CA ASN B 187 6.55 -7.33 24.97
C ASN B 187 6.84 -6.34 26.10
N LEU B 188 8.12 -5.98 26.30
CA LEU B 188 8.45 -4.98 27.31
C LEU B 188 7.89 -3.60 26.94
N ALA B 189 7.73 -3.30 25.65
CA ALA B 189 7.15 -2.02 25.23
C ALA B 189 5.64 -2.03 25.47
N LEU B 190 4.99 -3.15 25.16
CA LEU B 190 3.55 -3.22 25.34
C LEU B 190 3.14 -3.29 26.81
N LEU B 191 4.05 -3.74 27.69
CA LEU B 191 3.82 -3.69 29.12
C LEU B 191 3.80 -2.22 29.56
N LYS B 192 4.82 -1.45 29.19
CA LYS B 192 4.83 0.00 29.38
C LYS B 192 3.59 0.66 28.74
N ALA B 193 3.31 0.30 27.48
CA ALA B 193 2.11 0.73 26.76
C ALA B 193 1.87 2.22 26.83
N GLY B 194 2.90 3.06 26.85
CA GLY B 194 2.54 4.48 26.95
C GLY B 194 3.40 5.26 27.91
N GLU B 195 3.79 4.63 29.02
CA GLU B 195 4.89 5.12 29.83
C GLU B 195 6.17 5.17 28.98
N ILE B 196 6.23 4.36 27.93
CA ILE B 196 7.40 4.34 27.03
C ILE B 196 7.54 5.70 26.33
N PHE B 197 6.43 6.41 26.16
CA PHE B 197 6.48 7.74 25.60
C PHE B 197 7.07 8.77 26.58
N ARG B 198 7.33 8.36 27.83
CA ARG B 198 8.10 9.20 28.73
C ARG B 198 9.53 8.67 28.84
N SER B 209 0.53 15.31 24.01
CA SER B 209 -0.58 14.97 24.92
C SER B 209 -1.04 13.50 24.70
N PHE B 210 -0.58 12.59 25.56
CA PHE B 210 -0.83 11.14 25.41
C PHE B 210 -1.33 10.53 26.72
N GLY B 211 -2.36 9.68 26.60
CA GLY B 211 -2.98 8.98 27.71
C GLY B 211 -2.41 7.59 27.91
N GLU B 212 -3.15 6.77 28.67
CA GLU B 212 -2.71 5.42 28.98
C GLU B 212 -3.11 4.47 27.86
N GLY B 213 -2.48 3.29 27.86
CA GLY B 213 -2.71 2.32 26.81
C GLY B 213 -1.92 2.66 25.56
N CYS B 214 -1.89 1.70 24.63
CA CYS B 214 -1.07 1.82 23.45
C CYS B 214 -1.76 1.11 22.28
N ILE B 215 -1.60 1.69 21.07
CA ILE B 215 -2.04 1.11 19.80
C ILE B 215 -0.78 0.73 19.04
N TYR B 216 -0.44 -0.56 19.11
CA TYR B 216 0.81 -1.06 18.55
C TYR B 216 0.56 -1.49 17.11
N LEU B 217 1.29 -0.89 16.16
CA LEU B 217 1.01 -1.16 14.74
C LEU B 217 2.27 -1.63 14.06
N ASP B 218 2.10 -2.54 13.10
CA ASP B 218 3.19 -2.92 12.21
C ASP B 218 3.40 -1.78 11.21
N MET B 219 4.65 -1.63 10.77
CA MET B 219 4.96 -0.54 9.85
C MET B 219 4.45 -0.81 8.44
N ASP B 220 3.96 -2.02 8.16
CA ASP B 220 3.38 -2.31 6.85
C ASP B 220 1.88 -1.99 6.81
N MET B 221 1.29 -1.51 7.90
CA MET B 221 -0.13 -1.18 7.94
C MET B 221 -0.30 0.29 7.57
N ILE B 222 -1.48 0.61 7.00
CA ILE B 222 -1.72 1.90 6.33
C ILE B 222 -3.01 2.50 6.87
N LEU B 223 -2.91 3.69 7.47
CA LEU B 223 -4.11 4.38 7.93
C LEU B 223 -4.72 5.17 6.75
N THR B 224 -6.05 5.11 6.65
CA THR B 224 -6.81 5.79 5.59
C THR B 224 -7.84 6.75 6.18
N GLY B 225 -7.59 7.22 7.39
CA GLY B 225 -8.51 8.06 8.11
C GLY B 225 -8.38 7.82 9.60
N LYS B 226 -8.93 8.74 10.41
CA LYS B 226 -8.75 8.71 11.84
C LYS B 226 -9.27 7.39 12.41
N LEU B 227 -8.79 7.04 13.60
CA LEU B 227 -9.16 5.78 14.23
C LEU B 227 -10.35 5.95 15.18
N GLY B 228 -10.47 7.10 15.84
CA GLY B 228 -11.51 7.31 16.82
C GLY B 228 -11.25 6.51 18.07
N THR B 229 -12.32 6.00 18.68
CA THR B 229 -12.24 5.26 19.92
C THR B 229 -12.42 3.77 19.62
N ILE B 230 -11.63 2.94 20.30
CA ILE B 230 -11.62 1.51 20.04
C ILE B 230 -12.04 0.77 21.31
N TYR B 231 -12.76 -0.33 21.11
CA TYR B 231 -13.26 -1.16 22.21
C TYR B 231 -12.63 -2.55 22.13
N ALA B 232 -12.17 -3.05 23.28
CA ALA B 232 -11.43 -4.31 23.31
C ALA B 232 -11.78 -5.11 24.56
N PRO B 233 -11.94 -6.45 24.41
CA PRO B 233 -12.29 -7.31 25.54
C PRO B 233 -11.21 -7.22 26.64
N ASP B 234 -11.64 -6.83 27.83
CA ASP B 234 -10.75 -6.58 28.96
C ASP B 234 -9.68 -5.55 28.59
N GLY B 235 -9.90 -4.82 27.49
CA GLY B 235 -8.97 -3.79 27.05
C GLY B 235 -7.71 -4.33 26.38
N ILE B 236 -7.82 -5.52 25.75
CA ILE B 236 -6.73 -6.04 24.92
C ILE B 236 -7.34 -6.69 23.67
N SER B 237 -6.73 -6.38 22.51
CA SER B 237 -7.09 -6.96 21.21
C SER B 237 -5.81 -7.24 20.40
N MET B 238 -5.93 -8.18 19.47
CA MET B 238 -4.82 -8.62 18.63
C MET B 238 -5.33 -8.69 17.19
N HIS B 239 -4.41 -8.48 16.24
CA HIS B 239 -4.73 -8.65 14.84
C HIS B 239 -4.75 -10.14 14.51
N VAL B 240 -5.82 -10.59 13.84
CA VAL B 240 -5.84 -11.92 13.25
C VAL B 240 -5.96 -11.77 11.73
N ASP B 241 -5.15 -12.54 11.00
CA ASP B 241 -5.13 -12.57 9.55
C ASP B 241 -6.24 -13.49 9.06
N ARG B 242 -6.93 -13.05 7.99
CA ARG B 242 -8.02 -13.83 7.37
C ARG B 242 -7.84 -13.82 5.84
N SER B 246 -7.89 -19.73 5.76
CA SER B 246 -6.98 -19.69 6.91
C SER B 246 -7.24 -18.46 7.81
N VAL B 247 -7.05 -18.67 9.11
CA VAL B 247 -7.20 -17.63 10.12
C VAL B 247 -6.06 -17.79 11.12
N ASN B 248 -5.33 -16.69 11.37
CA ASN B 248 -4.10 -16.73 12.17
C ASN B 248 -3.96 -15.46 13.02
N ILE B 249 -3.69 -15.65 14.31
CA ILE B 249 -3.37 -14.56 15.22
C ILE B 249 -1.93 -14.13 14.98
N GLU B 250 -1.72 -12.83 14.74
CA GLU B 250 -0.36 -12.30 14.66
C GLU B 250 -0.15 -11.22 15.71
N ASN B 251 1.12 -11.04 16.08
CA ASN B 251 1.55 -10.00 16.98
C ASN B 251 1.82 -8.68 16.24
N SER B 252 1.36 -8.57 14.98
CA SER B 252 1.59 -7.39 14.14
C SER B 252 0.87 -6.15 14.70
N ALA B 253 -0.37 -6.34 15.18
CA ALA B 253 -1.11 -5.26 15.84
C ALA B 253 -1.53 -5.72 17.24
N ILE B 254 -1.34 -4.86 18.25
CA ILE B 254 -1.80 -5.11 19.61
C ILE B 254 -2.38 -3.82 20.20
N ILE B 255 -3.57 -3.92 20.79
CA ILE B 255 -4.22 -2.78 21.46
C ILE B 255 -4.40 -3.11 22.95
N VAL B 256 -3.78 -2.31 23.82
CA VAL B 256 -3.99 -2.44 25.26
C VAL B 256 -4.43 -1.09 25.81
N ASN B 257 -5.31 -1.15 26.82
CA ASN B 257 -5.98 0.02 27.38
C ASN B 257 -5.22 0.60 28.57
N ARG B 258 -4.15 -0.08 29.03
CA ARG B 258 -3.41 0.36 30.22
C ARG B 258 -2.06 -0.33 30.23
N SER B 259 -1.12 0.26 30.97
CA SER B 259 0.17 -0.34 31.14
C SER B 259 0.06 -1.57 32.07
N ASN B 260 1.10 -2.42 32.04
CA ASN B 260 1.23 -3.64 32.88
C ASN B 260 -0.01 -4.54 32.79
N HIS B 261 -0.60 -4.66 31.61
CA HIS B 261 -1.78 -5.48 31.42
C HIS B 261 -1.52 -6.90 31.93
N PRO B 262 -2.50 -7.50 32.66
CA PRO B 262 -2.35 -8.87 33.16
C PRO B 262 -2.01 -9.91 32.07
N ALA B 263 -2.66 -9.83 30.90
CA ALA B 263 -2.40 -10.81 29.84
C ALA B 263 -0.94 -10.73 29.37
N LEU B 264 -0.39 -9.52 29.37
CA LEU B 264 1.03 -9.36 29.00
C LEU B 264 1.95 -9.68 30.19
N LEU B 265 1.46 -9.54 31.44
CA LEU B 265 2.24 -9.98 32.60
C LEU B 265 2.50 -11.49 32.53
N GLU B 266 1.52 -12.24 32.02
CA GLU B 266 1.70 -13.66 31.75
C GLU B 266 2.85 -13.91 30.77
N GLY B 267 2.95 -13.06 29.75
CA GLY B 267 4.04 -13.15 28.79
C GLY B 267 5.38 -12.99 29.45
N LEU B 268 5.49 -12.04 30.39
CA LEU B 268 6.76 -11.82 31.11
C LEU B 268 7.12 -13.06 31.95
N SER B 269 6.12 -13.84 32.39
CA SER B 269 6.39 -15.10 33.10
C SER B 269 7.13 -16.08 32.18
N PHE B 270 6.53 -16.39 31.02
CA PHE B 270 7.16 -17.29 30.06
C PHE B 270 8.58 -16.82 29.76
N MET B 271 8.73 -15.54 29.41
CA MET B 271 10.03 -14.94 29.12
C MET B 271 10.99 -15.13 30.30
N HIS B 272 10.49 -15.06 31.55
CA HIS B 272 11.34 -15.17 32.72
C HIS B 272 11.67 -16.63 33.07
N SER B 273 11.02 -17.61 32.43
CA SER B 273 11.26 -19.02 32.74
C SER B 273 12.44 -19.59 31.95
N LYS B 274 12.79 -18.96 30.83
CA LYS B 274 13.88 -19.45 29.96
C LYS B 274 15.02 -18.43 29.99
N VAL B 275 16.20 -18.90 29.58
CA VAL B 275 17.34 -18.03 29.36
C VAL B 275 17.34 -17.55 27.92
N ASP B 276 17.20 -18.46 26.96
CA ASP B 276 17.15 -18.12 25.56
C ASP B 276 15.93 -18.78 24.91
N ALA B 277 14.95 -17.97 24.50
CA ALA B 277 13.78 -18.47 23.80
C ALA B 277 14.15 -18.91 22.37
N HIS B 278 13.78 -20.14 22.01
CA HIS B 278 13.96 -20.66 20.66
C HIS B 278 13.07 -19.92 19.68
N PRO B 279 13.40 -19.91 18.37
CA PRO B 279 12.46 -19.40 17.37
C PRO B 279 11.07 -20.03 17.53
N TYR B 280 10.05 -19.21 17.25
CA TYR B 280 8.62 -19.58 17.29
C TYR B 280 8.09 -19.69 18.73
N TYR B 281 8.89 -19.42 19.76
CA TYR B 281 8.46 -19.71 21.13
C TYR B 281 7.27 -18.83 21.54
N ASP B 282 7.32 -17.55 21.15
CA ASP B 282 6.19 -16.62 21.27
C ASP B 282 5.67 -16.55 22.71
N GLY B 283 6.47 -15.92 23.57
CA GLY B 283 6.10 -15.70 24.95
C GLY B 283 4.87 -14.80 25.08
N LEU B 284 4.70 -13.86 24.15
CA LEU B 284 3.58 -12.95 24.27
C LEU B 284 2.26 -13.69 24.00
N GLY B 285 2.19 -14.41 22.87
CA GLY B 285 0.96 -15.11 22.52
C GLY B 285 0.56 -16.13 23.58
N LYS B 286 1.55 -16.88 24.09
CA LYS B 286 1.30 -17.89 25.13
C LYS B 286 0.60 -17.24 26.33
N GLY B 287 1.15 -16.12 26.80
CA GLY B 287 0.61 -15.42 27.97
C GLY B 287 -0.83 -14.96 27.76
N VAL B 288 -1.11 -14.41 26.57
CA VAL B 288 -2.44 -13.89 26.29
C VAL B 288 -3.45 -15.04 26.23
N LYS B 289 -3.12 -16.08 25.46
CA LYS B 289 -3.96 -17.27 25.42
C LYS B 289 -4.22 -17.81 26.82
N LYS B 290 -3.19 -17.84 27.68
CA LYS B 290 -3.33 -18.41 29.00
C LYS B 290 -4.19 -17.50 29.90
N TYR B 291 -4.05 -16.17 29.75
CA TYR B 291 -4.88 -15.23 30.49
C TYR B 291 -6.38 -15.47 30.19
N PHE B 292 -6.71 -15.78 28.94
CA PHE B 292 -8.10 -15.96 28.56
C PHE B 292 -8.51 -17.44 28.58
N ASN B 293 -7.65 -18.28 29.14
CA ASN B 293 -7.92 -19.72 29.25
C ASN B 293 -8.20 -20.31 27.87
N PHE B 294 -7.44 -19.86 26.86
CA PHE B 294 -7.43 -20.55 25.57
C PHE B 294 -6.32 -21.60 25.59
N THR B 295 -6.72 -22.85 25.37
CA THR B 295 -5.89 -24.05 25.42
C THR B 295 -5.76 -24.64 24.02
N PRO B 296 -4.74 -25.50 23.77
CA PRO B 296 -4.64 -26.19 22.49
C PRO B 296 -5.93 -26.91 22.06
N LEU B 297 -6.86 -27.08 23.00
CA LEU B 297 -8.08 -27.88 22.84
C LEU B 297 -9.33 -27.02 22.60
N HIS B 298 -9.32 -25.76 23.04
CA HIS B 298 -10.40 -24.80 22.72
C HIS B 298 -10.50 -24.58 21.20
N ASN B 299 -11.47 -23.75 20.83
CA ASN B 299 -11.80 -23.43 19.45
C ASN B 299 -10.98 -22.20 19.00
N TYR B 300 -10.12 -22.38 18.01
CA TYR B 300 -9.20 -21.31 17.59
C TYR B 300 -9.94 -20.19 16.85
N ASN B 301 -10.93 -20.53 16.04
CA ASN B 301 -11.70 -19.53 15.32
C ASN B 301 -12.56 -18.70 16.27
N HIS B 302 -13.07 -19.31 17.35
CA HIS B 302 -13.84 -18.57 18.35
C HIS B 302 -12.97 -17.56 19.08
N PHE B 303 -11.76 -17.94 19.47
CA PHE B 303 -10.89 -17.01 20.20
C PHE B 303 -10.45 -15.86 19.28
N CYS B 304 -10.22 -16.15 17.99
CA CYS B 304 -9.85 -15.12 17.00
C CYS B 304 -10.94 -14.04 16.93
N ASP B 305 -12.20 -14.45 16.74
CA ASP B 305 -13.32 -13.52 16.67
C ASP B 305 -13.43 -12.72 17.97
N PHE B 306 -13.19 -13.37 19.10
CA PHE B 306 -13.21 -12.69 20.39
C PHE B 306 -12.10 -11.63 20.47
N ILE B 307 -10.86 -12.05 20.17
CA ILE B 307 -9.65 -11.27 20.49
C ILE B 307 -9.32 -10.26 19.37
N GLU B 308 -9.99 -10.36 18.22
CA GLU B 308 -9.48 -9.68 17.02
C GLU B 308 -9.48 -8.16 17.18
N PHE B 309 -8.38 -7.54 16.74
CA PHE B 309 -8.36 -6.11 16.51
C PHE B 309 -8.72 -5.83 15.04
N ASN B 310 -9.78 -5.03 14.84
CA ASN B 310 -10.29 -4.73 13.52
C ASN B 310 -10.55 -3.23 13.42
N HIS B 311 -10.27 -2.64 12.24
CA HIS B 311 -10.58 -1.22 11.99
C HIS B 311 -10.78 -0.96 10.50
N PRO B 312 -11.83 -0.20 10.12
CA PRO B 312 -12.04 0.11 8.70
C PRO B 312 -10.86 0.90 8.08
N ASN B 313 -10.34 1.89 8.81
CA ASN B 313 -9.32 2.80 8.27
C ASN B 313 -7.90 2.23 8.42
N ILE B 314 -7.73 0.91 8.40
CA ILE B 314 -6.40 0.34 8.43
C ILE B 314 -6.36 -0.84 7.46
N ILE B 315 -5.27 -0.91 6.71
CA ILE B 315 -5.04 -1.99 5.77
C ILE B 315 -3.99 -2.90 6.41
N MET B 316 -4.44 -4.03 6.94
CA MET B 316 -3.55 -4.89 7.76
C MET B 316 -3.00 -6.08 6.94
#